data_4F5V
#
_entry.id   4F5V
#
_cell.length_a   74.202
_cell.length_b   79.644
_cell.length_c   104.223
_cell.angle_alpha   90.00
_cell.angle_beta   90.00
_cell.angle_gamma   90.00
#
_symmetry.space_group_name_H-M   'P 21 21 21'
#
loop_
_entity.id
_entity.type
_entity.pdbx_description
1 polymer 'Serum albumin'
2 non-polymer 'TETRAETHYLENE GLYCOL'
3 non-polymer 'TRIETHYLENE GLYCOL'
4 non-polymer 'ACETATE ION'
5 water water
#
_entity_poly.entity_id   1
_entity_poly.type   'polypeptide(L)'
_entity_poly.pdbx_seq_one_letter_code
;EAHKSEIAHRFNDVGEEHFIGLVLITFSQYLQKCPYEEHAKLVKEVTDLAKACVADESAANCDKSLHDIFGDKICALPSL
RDTYGDVADCCEKKEPERNECFLHHKDDKPDLPPFARPEADVLCKAFHDDEKAFFGHYLYEVARRHPYFYAPELLYYAQK
YKAILTECCEAADKGACLTPKLDALKEKALISAAQERLRCASIQKFGDRAYKAWALVRLSQRFPKADFTDISKIVTDLTK
VHKECCHGDLLECADDRADLAKYMCEHQETISSHLKECCDKPILEKAHCIYGLHNDETPAGLPAVAEEFVEDKDVCKNYE
EAKDLFLGKFLYEYSRRHPDYSVVLLLRLGKAYEATLKKCCATDDPHACYAKVLDEFQPLVDEPKNLVKQNCELYEQLGD
YNFQNALLVRYTKKVPQVSTPTLVEISRSLGKVGSKCCKHPEAERLPCVEDYLSVVLNRLCVLHEKTPVSEKVTKCCSES
LVDRRPCFSALGPDETYVPKEFNAETFTFHADICTLPETERKIKKQTALVELVKHKPHATNDQLKTVVGEFTALLDKCCS
AEDKEACFAVEGPKLVESSKATLG
;
_entity_poly.pdbx_strand_id   A
#
# COMPACT_ATOMS: atom_id res chain seq x y z
N GLU A 1 27.70 1.45 -6.79
CA GLU A 1 27.10 1.73 -5.46
C GLU A 1 27.83 2.79 -4.61
N ALA A 2 29.12 2.59 -4.36
CA ALA A 2 29.97 3.67 -3.84
C ALA A 2 30.95 4.15 -4.93
N HIS A 3 30.58 5.25 -5.58
CA HIS A 3 31.45 5.91 -6.59
C HIS A 3 32.26 7.06 -5.98
N LYS A 4 33.34 7.48 -6.64
CA LYS A 4 33.98 8.70 -6.19
C LYS A 4 32.94 9.85 -6.01
N SER A 5 32.14 10.16 -7.03
CA SER A 5 31.01 11.08 -6.83
C SER A 5 29.68 10.41 -7.10
N GLU A 6 28.89 10.28 -6.04
CA GLU A 6 27.63 9.56 -6.08
C GLU A 6 26.59 10.33 -6.83
N ILE A 7 26.50 11.63 -6.53
CA ILE A 7 25.52 12.41 -7.22
C ILE A 7 25.73 12.40 -8.73
N ALA A 8 26.99 12.42 -9.18
CA ALA A 8 27.31 12.37 -10.61
C ALA A 8 27.05 11.03 -11.15
N HIS A 9 27.41 10.03 -10.38
CA HIS A 9 27.21 8.66 -10.84
C HIS A 9 25.69 8.37 -11.08
N ARG A 10 24.83 8.92 -10.26
CA ARG A 10 23.41 8.67 -10.40
C ARG A 10 22.77 9.54 -11.50
N PHE A 11 23.14 10.84 -11.52
CA PHE A 11 22.71 11.68 -12.64
C PHE A 11 23.04 11.01 -14.00
N ASN A 12 24.29 10.58 -14.16
CA ASN A 12 24.66 9.83 -15.35
C ASN A 12 23.88 8.57 -15.57
N ASP A 13 23.71 7.78 -14.51
CA ASP A 13 22.96 6.52 -14.66
C ASP A 13 21.53 6.72 -15.09
N VAL A 14 20.94 7.77 -14.60
CA VAL A 14 19.51 7.89 -14.65
C VAL A 14 18.95 8.89 -15.67
N GLY A 15 19.82 9.78 -16.11
CA GLY A 15 19.43 10.87 -17.02
C GLY A 15 18.82 12.02 -16.24
N GLU A 16 18.96 13.21 -16.81
CA GLU A 16 18.54 14.45 -16.16
C GLU A 16 17.09 14.41 -15.77
N GLU A 17 16.26 13.85 -16.62
CA GLU A 17 14.85 13.95 -16.43
C GLU A 17 14.30 13.08 -15.23
N HIS A 18 14.70 11.81 -15.18
CA HIS A 18 14.26 10.90 -14.12
C HIS A 18 14.95 11.37 -12.87
N PHE A 19 16.10 12.02 -13.02
CA PHE A 19 16.88 12.40 -11.87
C PHE A 19 16.17 13.55 -11.23
N ILE A 20 15.68 14.48 -12.05
CA ILE A 20 14.91 15.63 -11.54
C ILE A 20 13.65 15.09 -10.85
N GLY A 21 13.02 14.12 -11.46
CA GLY A 21 11.81 13.60 -10.90
C GLY A 21 12.07 12.87 -9.58
N LEU A 22 13.16 12.10 -9.49
CA LEU A 22 13.46 11.36 -8.29
C LEU A 22 13.84 12.25 -7.11
N VAL A 23 14.37 13.43 -7.45
CA VAL A 23 14.89 14.32 -6.44
C VAL A 23 13.72 15.09 -5.91
N LEU A 24 12.77 15.42 -6.78
CA LEU A 24 11.54 16.09 -6.38
C LEU A 24 10.69 15.19 -5.50
N ILE A 25 10.65 13.90 -5.82
CA ILE A 25 9.96 12.93 -4.97
C ILE A 25 10.64 12.78 -3.57
N THR A 26 11.96 12.62 -3.54
CA THR A 26 12.70 12.55 -2.29
C THR A 26 12.26 13.72 -1.40
N PHE A 27 12.33 14.99 -1.89
CA PHE A 27 12.01 16.12 -0.96
C PHE A 27 10.57 16.18 -0.54
N SER A 28 9.69 15.87 -1.47
CA SER A 28 8.21 15.89 -1.25
C SER A 28 7.86 14.83 -0.17
N GLN A 29 8.62 13.74 -0.19
CA GLN A 29 8.41 12.71 0.81
C GLN A 29 8.94 13.08 2.20
N TYR A 30 10.13 13.67 2.22
CA TYR A 30 10.79 13.98 3.48
C TYR A 30 10.06 15.19 4.14
N LEU A 31 9.46 16.06 3.33
CA LEU A 31 8.94 17.36 3.78
C LEU A 31 7.57 17.57 3.15
N GLN A 32 6.61 16.81 3.65
CA GLN A 32 5.30 16.74 3.07
C GLN A 32 4.55 18.01 3.26
N LYS A 33 4.93 18.81 4.22
CA LYS A 33 4.21 20.04 4.57
C LYS A 33 4.59 21.24 3.70
N CYS A 34 5.83 21.24 3.25
CA CYS A 34 6.36 22.39 2.51
C CYS A 34 5.71 22.75 1.16
N PRO A 35 5.51 24.05 0.90
CA PRO A 35 4.94 24.45 -0.42
C PRO A 35 5.76 23.94 -1.59
N TYR A 36 5.10 23.66 -2.70
CA TYR A 36 5.73 23.34 -4.00
C TYR A 36 7.00 24.16 -4.34
N GLU A 37 6.95 25.44 -4.11
CA GLU A 37 8.01 26.39 -4.50
C GLU A 37 9.33 26.10 -3.85
N GLU A 38 9.26 25.71 -2.58
CA GLU A 38 10.51 25.32 -1.87
C GLU A 38 11.07 24.09 -2.46
N HIS A 39 10.22 23.15 -2.87
CA HIS A 39 10.77 21.86 -3.36
C HIS A 39 11.49 22.09 -4.69
N ALA A 40 10.79 22.71 -5.65
CA ALA A 40 11.34 23.23 -6.91
C ALA A 40 12.67 23.93 -6.73
N LYS A 41 12.71 24.84 -5.77
CA LYS A 41 13.95 25.49 -5.38
C LYS A 41 15.05 24.47 -5.06
N LEU A 42 14.78 23.61 -4.07
CA LEU A 42 15.75 22.58 -3.64
C LEU A 42 16.12 21.66 -4.78
N VAL A 43 15.14 21.27 -5.61
CA VAL A 43 15.39 20.36 -6.77
C VAL A 43 16.39 20.96 -7.73
N LYS A 44 16.10 22.20 -8.15
CA LYS A 44 17.03 23.04 -8.94
C LYS A 44 18.42 23.09 -8.31
N GLU A 45 18.49 23.52 -7.05
CA GLU A 45 19.78 23.50 -6.36
C GLU A 45 20.52 22.19 -6.40
N VAL A 46 19.78 21.07 -6.35
CA VAL A 46 20.44 19.75 -6.26
C VAL A 46 20.87 19.33 -7.65
N THR A 47 20.04 19.68 -8.63
CA THR A 47 20.34 19.40 -10.04
C THR A 47 21.58 20.18 -10.56
N ASP A 48 21.67 21.45 -10.19
CA ASP A 48 22.84 22.25 -10.58
C ASP A 48 24.09 21.65 -9.99
N LEU A 49 24.05 21.24 -8.71
CA LEU A 49 25.23 20.61 -8.11
C LEU A 49 25.58 19.37 -8.86
N ALA A 50 24.55 18.59 -9.16
CA ALA A 50 24.73 17.42 -9.99
C ALA A 50 25.46 17.77 -11.31
N LYS A 51 25.04 18.87 -11.97
CA LYS A 51 25.59 19.29 -13.28
C LYS A 51 27.04 19.63 -13.05
N ALA A 52 27.26 20.39 -11.98
CA ALA A 52 28.62 20.82 -11.66
C ALA A 52 29.53 19.62 -11.46
N CYS A 53 29.01 18.52 -10.90
CA CYS A 53 29.87 17.38 -10.52
C CYS A 53 30.13 16.45 -11.71
N VAL A 54 29.16 16.31 -12.57
CA VAL A 54 29.37 15.64 -13.84
C VAL A 54 30.48 16.35 -14.62
N ALA A 55 30.37 17.68 -14.71
CA ALA A 55 31.34 18.50 -15.40
C ALA A 55 32.74 18.18 -14.85
N ASP A 56 32.86 18.21 -13.52
CA ASP A 56 34.15 18.15 -12.90
C ASP A 56 33.94 17.48 -11.54
N GLU A 57 34.29 16.20 -11.47
CA GLU A 57 34.12 15.44 -10.24
C GLU A 57 34.91 15.91 -9.04
N SER A 58 35.76 16.89 -9.19
CA SER A 58 36.52 17.40 -8.06
C SER A 58 35.81 18.62 -7.47
N ALA A 59 34.79 19.10 -8.17
CA ALA A 59 33.97 20.22 -7.69
C ALA A 59 33.54 20.08 -6.21
N ALA A 60 33.21 21.22 -5.60
CA ALA A 60 32.89 21.20 -4.19
C ALA A 60 31.58 20.43 -4.01
N ASN A 61 31.56 19.62 -2.96
CA ASN A 61 30.36 18.90 -2.49
C ASN A 61 30.06 17.66 -3.28
N CYS A 62 30.88 17.43 -4.29
CA CYS A 62 30.78 16.26 -5.16
C CYS A 62 31.13 14.92 -4.49
N ASP A 63 32.03 14.93 -3.50
CA ASP A 63 32.40 13.71 -2.79
C ASP A 63 31.42 13.33 -1.64
N LYS A 64 30.51 14.23 -1.30
CA LYS A 64 29.48 13.91 -0.29
C LYS A 64 28.57 12.71 -0.63
N SER A 65 28.16 12.02 0.42
CA SER A 65 27.09 11.04 0.31
C SER A 65 25.83 11.81 -0.04
N LEU A 66 24.96 11.17 -0.78
CA LEU A 66 23.66 11.75 -1.14
C LEU A 66 22.84 12.18 0.02
N HIS A 67 22.90 11.41 1.11
CA HIS A 67 22.28 11.82 2.38
C HIS A 67 22.83 13.17 2.81
N ASP A 68 24.15 13.29 2.86
CA ASP A 68 24.72 14.55 3.27
C ASP A 68 24.10 15.71 2.43
N ILE A 69 24.08 15.50 1.11
CA ILE A 69 23.65 16.56 0.20
C ILE A 69 22.18 16.93 0.42
N PHE A 70 21.30 15.93 0.46
CA PHE A 70 19.90 16.26 0.62
C PHE A 70 19.71 16.98 1.93
N GLY A 71 20.43 16.48 2.96
CA GLY A 71 20.45 17.09 4.31
C GLY A 71 21.00 18.50 4.37
N ASP A 72 22.10 18.77 3.66
CA ASP A 72 22.67 20.14 3.63
C ASP A 72 21.74 21.17 2.98
N LYS A 73 21.04 20.75 1.91
CA LYS A 73 20.19 21.68 1.18
C LYS A 73 18.97 22.02 2.03
N ILE A 74 18.25 20.99 2.46
CA ILE A 74 17.21 21.12 3.47
C ILE A 74 17.62 22.10 4.57
N CYS A 75 18.74 21.82 5.25
CA CYS A 75 19.12 22.58 6.45
C CYS A 75 19.50 24.07 6.23
N ALA A 76 19.77 24.46 4.99
CA ALA A 76 19.88 25.87 4.61
C ALA A 76 18.49 26.45 4.24
N LEU A 77 17.44 25.72 4.66
CA LEU A 77 16.04 26.03 4.36
C LEU A 77 15.20 26.56 5.54
N PRO A 78 15.62 26.30 6.81
CA PRO A 78 15.02 27.00 7.97
C PRO A 78 14.92 28.50 7.71
N SER A 79 15.56 28.89 6.61
CA SER A 79 15.49 30.22 5.99
C SER A 79 14.06 30.48 5.52
N LEU A 80 13.61 29.71 4.54
CA LEU A 80 12.21 29.75 4.13
C LEU A 80 11.39 28.92 5.14
N ARG A 81 10.76 29.69 6.04
CA ARG A 81 10.42 29.35 7.44
C ARG A 81 10.06 27.90 7.86
N ASP A 82 10.47 27.58 9.08
CA ASP A 82 10.06 26.38 9.82
C ASP A 82 9.16 26.73 11.04
N THR A 83 7.99 27.32 10.76
CA THR A 83 6.91 27.48 11.75
C THR A 83 6.03 26.20 11.79
N TYR A 84 5.48 25.84 10.64
CA TYR A 84 4.88 24.52 10.44
C TYR A 84 6.01 23.49 10.50
N GLY A 85 7.21 23.95 10.15
CA GLY A 85 8.43 23.16 10.17
C GLY A 85 8.82 22.81 11.59
N ASP A 86 8.23 21.74 12.11
CA ASP A 86 8.39 21.40 13.51
C ASP A 86 9.67 20.61 13.75
N VAL A 87 10.34 20.18 12.68
CA VAL A 87 11.38 19.16 12.82
C VAL A 87 12.78 19.46 12.26
N ALA A 88 13.22 20.71 12.41
CA ALA A 88 14.61 21.08 12.17
C ALA A 88 15.43 20.79 13.45
N ASP A 89 14.81 20.04 14.36
CA ASP A 89 15.51 19.36 15.42
C ASP A 89 16.37 18.30 14.76
N CYS A 90 15.92 17.89 13.57
CA CYS A 90 16.65 16.92 12.78
C CYS A 90 17.98 17.52 12.36
N CYS A 91 17.99 18.78 11.94
CA CYS A 91 19.24 19.42 11.58
C CYS A 91 20.21 19.50 12.76
N GLU A 92 19.72 19.23 13.99
CA GLU A 92 20.54 19.28 15.22
C GLU A 92 21.48 18.07 15.33
N LYS A 93 21.19 17.04 14.55
CA LYS A 93 22.04 15.86 14.46
C LYS A 93 23.10 15.99 13.34
N LYS A 94 24.02 15.02 13.30
CA LYS A 94 24.82 14.74 12.10
C LYS A 94 24.45 13.36 11.51
N GLU A 95 25.06 13.00 10.37
CA GLU A 95 24.76 11.68 9.76
C GLU A 95 25.41 10.55 10.55
N PRO A 96 24.76 9.36 10.61
CA PRO A 96 23.53 8.98 9.92
C PRO A 96 22.23 9.39 10.61
N GLU A 97 22.28 9.67 11.92
CA GLU A 97 21.10 10.10 12.70
C GLU A 97 20.27 11.27 12.11
N ARG A 98 20.95 12.25 11.51
CA ARG A 98 20.25 13.36 10.86
C ARG A 98 19.27 12.76 9.91
N ASN A 99 19.75 11.88 9.03
CA ASN A 99 18.89 11.31 8.00
C ASN A 99 17.78 10.46 8.62
N GLU A 100 18.13 9.56 9.52
CA GLU A 100 17.13 8.75 10.23
C GLU A 100 15.99 9.55 10.88
N CYS A 101 16.29 10.81 11.17
CA CYS A 101 15.37 11.68 11.88
C CYS A 101 14.31 12.16 10.91
N PHE A 102 14.77 12.71 9.80
CA PHE A 102 13.92 13.02 8.65
C PHE A 102 13.05 11.86 8.20
N LEU A 103 13.62 10.68 8.14
CA LEU A 103 12.88 9.50 7.78
C LEU A 103 11.79 9.21 8.81
N HIS A 104 12.10 9.32 10.09
CA HIS A 104 11.12 8.97 11.10
C HIS A 104 9.92 9.91 11.12
N HIS A 105 10.01 11.03 10.40
CA HIS A 105 8.91 11.99 10.41
C HIS A 105 7.97 11.86 9.20
N LYS A 106 8.21 10.91 8.29
CA LYS A 106 7.27 10.69 7.19
C LYS A 106 5.96 10.39 7.81
N ASP A 107 4.94 10.97 7.24
CA ASP A 107 3.63 10.91 7.88
C ASP A 107 2.67 10.24 6.91
N ASP A 108 2.18 9.11 7.37
CA ASP A 108 1.23 8.28 6.64
C ASP A 108 -0.11 8.89 6.37
N LYS A 109 -0.52 9.83 7.19
CA LYS A 109 -1.70 10.62 6.85
C LYS A 109 -1.48 12.11 7.22
N PRO A 110 -0.71 12.83 6.43
CA PRO A 110 -0.49 14.28 6.64
C PRO A 110 -1.79 15.05 6.60
N ASP A 111 -1.98 16.05 7.47
CA ASP A 111 -3.21 16.87 7.38
C ASP A 111 -3.26 17.69 6.08
N LEU A 112 -3.94 17.17 5.07
CA LEU A 112 -4.04 17.84 3.78
C LEU A 112 -5.44 17.72 3.17
N PRO A 113 -5.79 18.66 2.25
CA PRO A 113 -7.10 18.52 1.65
C PRO A 113 -7.07 17.39 0.64
N PRO A 114 -8.24 16.75 0.42
CA PRO A 114 -8.22 15.65 -0.54
C PRO A 114 -7.81 16.19 -1.89
N PHE A 115 -6.83 15.53 -2.50
CA PHE A 115 -6.27 15.94 -3.80
C PHE A 115 -7.37 16.26 -4.81
N ALA A 116 -7.81 17.52 -4.77
CA ALA A 116 -8.92 18.03 -5.58
C ALA A 116 -8.59 17.92 -7.06
N ARG A 117 -9.63 17.67 -7.86
CA ARG A 117 -9.45 17.61 -9.29
C ARG A 117 -10.17 18.77 -9.98
N PRO A 118 -9.46 19.45 -10.90
CA PRO A 118 -10.06 20.39 -11.86
C PRO A 118 -11.11 19.74 -12.77
N GLU A 119 -11.99 20.55 -13.35
CA GLU A 119 -12.85 20.07 -14.43
C GLU A 119 -11.94 19.71 -15.60
N ALA A 120 -12.46 18.90 -16.52
CA ALA A 120 -11.67 18.36 -17.63
C ALA A 120 -10.97 19.45 -18.41
N ASP A 121 -11.75 20.44 -18.83
CA ASP A 121 -11.22 21.55 -19.58
C ASP A 121 -10.04 22.23 -18.88
N VAL A 122 -10.22 22.63 -17.62
CA VAL A 122 -9.17 23.24 -16.83
C VAL A 122 -7.92 22.36 -16.75
N LEU A 123 -8.13 21.08 -16.44
CA LEU A 123 -7.02 20.12 -16.36
C LEU A 123 -6.25 20.07 -17.70
N CYS A 124 -6.99 20.02 -18.81
CA CYS A 124 -6.36 20.05 -20.14
C CYS A 124 -5.58 21.37 -20.42
N LYS A 125 -6.19 22.50 -20.11
CA LYS A 125 -5.54 23.80 -20.30
C LYS A 125 -4.21 23.87 -19.57
N ALA A 126 -4.26 23.59 -18.26
CA ALA A 126 -3.06 23.47 -17.41
C ALA A 126 -1.90 22.65 -18.02
N PHE A 127 -2.19 21.49 -18.60
CA PHE A 127 -1.21 20.58 -19.23
C PHE A 127 -0.60 21.18 -20.52
N HIS A 128 -1.47 21.71 -21.39
CA HIS A 128 -1.00 22.47 -22.56
C HIS A 128 -0.15 23.70 -22.23
N ASP A 129 -0.54 24.43 -21.21
CA ASP A 129 0.23 25.57 -20.82
C ASP A 129 1.72 25.10 -20.61
N ASP A 130 1.93 24.25 -19.63
CA ASP A 130 3.26 24.10 -19.15
C ASP A 130 3.37 22.70 -18.52
N GLU A 131 3.98 21.76 -19.27
CA GLU A 131 4.05 20.34 -18.93
C GLU A 131 4.88 20.12 -17.70
N LYS A 132 5.97 20.87 -17.60
CA LYS A 132 6.90 20.70 -16.50
C LYS A 132 6.27 21.09 -15.20
N ALA A 133 5.71 22.27 -15.15
CA ALA A 133 5.08 22.71 -13.93
C ALA A 133 3.92 21.77 -13.65
N PHE A 134 3.15 21.43 -14.69
CA PHE A 134 2.13 20.40 -14.55
C PHE A 134 2.62 19.06 -13.90
N PHE A 135 3.63 18.42 -14.45
CA PHE A 135 3.96 17.17 -13.85
C PHE A 135 4.82 17.37 -12.63
N GLY A 136 5.45 18.52 -12.45
CA GLY A 136 6.15 18.76 -11.17
C GLY A 136 5.10 18.84 -10.05
N HIS A 137 4.00 19.47 -10.38
CA HIS A 137 2.94 19.57 -9.41
C HIS A 137 2.33 18.23 -9.00
N TYR A 138 2.13 17.36 -9.98
CA TYR A 138 1.63 16.01 -9.79
C TYR A 138 2.56 15.14 -8.92
N LEU A 139 3.84 14.98 -9.31
CA LEU A 139 4.81 14.25 -8.43
C LEU A 139 4.70 14.79 -7.03
N TYR A 140 4.86 16.10 -6.90
CA TYR A 140 4.80 16.68 -5.59
C TYR A 140 3.56 16.24 -4.84
N GLU A 141 2.41 16.36 -5.49
CA GLU A 141 1.20 16.20 -4.73
C GLU A 141 0.92 14.74 -4.39
N VAL A 142 1.38 13.82 -5.19
CA VAL A 142 1.15 12.41 -4.95
C VAL A 142 2.18 11.88 -3.95
N ALA A 143 3.43 12.35 -4.09
CA ALA A 143 4.50 11.93 -3.14
C ALA A 143 4.30 12.37 -1.69
N ARG A 144 3.82 13.60 -1.52
CA ARG A 144 3.66 14.09 -0.20
C ARG A 144 2.49 13.46 0.52
N ARG A 145 1.52 12.95 -0.24
CA ARG A 145 0.38 12.27 0.33
C ARG A 145 0.65 10.78 0.53
N HIS A 146 1.75 10.27 -0.03
CA HIS A 146 2.06 8.84 -0.03
C HIS A 146 3.57 8.78 0.03
N PRO A 147 4.14 9.03 1.23
CA PRO A 147 5.57 9.23 1.41
C PRO A 147 6.38 7.97 1.24
N TYR A 148 5.76 6.81 1.06
CA TYR A 148 6.48 5.60 0.79
C TYR A 148 6.21 5.12 -0.65
N PHE A 149 5.53 5.92 -1.47
CA PHE A 149 5.18 5.51 -2.85
C PHE A 149 6.39 4.95 -3.56
N TYR A 150 6.30 3.75 -4.12
CA TYR A 150 7.41 3.24 -4.94
C TYR A 150 7.88 4.23 -6.04
N ALA A 151 9.06 4.79 -5.89
CA ALA A 151 9.42 6.01 -6.59
C ALA A 151 9.47 5.85 -8.12
N PRO A 152 10.12 4.79 -8.63
CA PRO A 152 10.09 4.62 -10.09
C PRO A 152 8.68 4.33 -10.63
N GLU A 153 7.84 3.68 -9.83
CA GLU A 153 6.45 3.51 -10.29
C GLU A 153 5.70 4.85 -10.34
N LEU A 154 6.13 5.82 -9.51
CA LEU A 154 5.49 7.09 -9.48
C LEU A 154 5.84 7.86 -10.75
N LEU A 155 7.04 7.60 -11.30
CA LEU A 155 7.48 8.23 -12.56
C LEU A 155 6.69 7.63 -13.67
N TYR A 156 6.52 6.32 -13.57
CA TYR A 156 5.73 5.60 -14.55
C TYR A 156 4.32 6.12 -14.61
N TYR A 157 3.70 6.31 -13.46
CA TYR A 157 2.33 6.82 -13.48
C TYR A 157 2.24 8.25 -14.05
N ALA A 158 3.22 9.12 -13.74
CA ALA A 158 3.22 10.46 -14.37
C ALA A 158 3.20 10.37 -15.90
N GLN A 159 3.92 9.38 -16.41
CA GLN A 159 4.00 9.18 -17.81
C GLN A 159 2.68 8.55 -18.28
N LYS A 160 2.07 7.71 -17.47
CA LYS A 160 0.70 7.30 -17.84
C LYS A 160 -0.34 8.44 -17.82
N TYR A 161 -0.19 9.33 -16.84
CA TYR A 161 -1.06 10.47 -16.76
C TYR A 161 -0.85 11.26 -18.05
N LYS A 162 0.37 11.31 -18.54
CA LYS A 162 0.60 12.13 -19.70
C LYS A 162 0.02 11.57 -20.99
N ALA A 163 -0.09 10.24 -21.10
CA ALA A 163 -0.57 9.62 -22.33
C ALA A 163 -2.05 9.83 -22.40
N ILE A 164 -2.70 9.66 -21.25
CA ILE A 164 -4.14 9.93 -21.17
C ILE A 164 -4.51 11.40 -21.50
N LEU A 165 -3.80 12.36 -20.94
CA LEU A 165 -4.14 13.76 -21.20
C LEU A 165 -3.95 14.14 -22.67
N THR A 166 -2.97 13.51 -23.31
CA THR A 166 -2.69 13.75 -24.68
C THR A 166 -3.91 13.26 -25.46
N GLU A 167 -4.38 12.05 -25.14
CA GLU A 167 -5.39 11.37 -25.90
C GLU A 167 -6.72 12.06 -25.72
N CYS A 168 -7.17 12.19 -24.48
CA CYS A 168 -8.47 12.83 -24.24
C CYS A 168 -8.59 14.31 -24.60
N CYS A 169 -7.62 15.10 -24.17
CA CYS A 169 -7.67 16.56 -24.28
C CYS A 169 -8.06 17.16 -25.65
N GLU A 170 -7.65 16.52 -26.74
CA GLU A 170 -8.03 17.00 -28.10
C GLU A 170 -9.39 16.51 -28.67
N ALA A 171 -10.30 16.09 -27.81
CA ALA A 171 -11.52 15.43 -28.30
C ALA A 171 -12.73 16.32 -28.24
N ALA A 172 -12.59 17.49 -27.59
CA ALA A 172 -13.66 18.52 -27.56
C ALA A 172 -14.88 18.12 -26.74
N ASP A 173 -14.70 17.02 -25.98
CA ASP A 173 -15.70 16.40 -25.11
C ASP A 173 -14.86 15.72 -24.03
N LYS A 174 -14.24 16.56 -23.21
CA LYS A 174 -13.07 16.18 -22.45
C LYS A 174 -13.44 15.13 -21.41
N GLY A 175 -14.30 15.56 -20.48
CA GLY A 175 -14.65 14.82 -19.27
C GLY A 175 -15.05 13.39 -19.50
N ALA A 176 -15.93 13.18 -20.48
CA ALA A 176 -16.40 11.85 -20.86
C ALA A 176 -15.25 10.90 -21.24
N CYS A 177 -14.24 11.41 -21.94
CA CYS A 177 -13.06 10.63 -22.28
C CYS A 177 -12.15 10.52 -21.06
N LEU A 178 -11.86 11.68 -20.50
CA LEU A 178 -10.79 11.79 -19.53
C LEU A 178 -11.13 11.12 -18.23
N THR A 179 -12.18 11.59 -17.56
CA THR A 179 -12.42 11.22 -16.16
C THR A 179 -12.51 9.71 -15.98
N PRO A 180 -13.33 9.00 -16.78
CA PRO A 180 -13.24 7.54 -16.64
C PRO A 180 -11.81 6.97 -16.66
N LYS A 181 -10.95 7.48 -17.54
CA LYS A 181 -9.58 6.91 -17.69
C LYS A 181 -8.67 7.32 -16.53
N LEU A 182 -9.04 8.42 -15.88
CA LEU A 182 -8.26 9.00 -14.82
C LEU A 182 -8.64 8.32 -13.53
N ASP A 183 -9.94 8.08 -13.37
CA ASP A 183 -10.44 7.51 -12.15
C ASP A 183 -9.88 6.09 -11.98
N ALA A 184 -9.66 5.41 -13.10
CA ALA A 184 -9.01 4.10 -13.13
C ALA A 184 -7.58 4.22 -12.67
N LEU A 185 -6.84 5.11 -13.33
CA LEU A 185 -5.44 5.40 -12.99
C LEU A 185 -5.25 5.69 -11.51
N LYS A 186 -6.17 6.49 -10.94
CA LYS A 186 -6.14 6.78 -9.52
C LYS A 186 -6.22 5.46 -8.75
N GLU A 187 -7.22 4.64 -9.05
CA GLU A 187 -7.42 3.39 -8.30
C GLU A 187 -6.21 2.51 -8.39
N LYS A 188 -5.68 2.35 -9.59
CA LYS A 188 -4.48 1.54 -9.69
C LYS A 188 -3.29 2.11 -8.90
N ALA A 189 -3.15 3.43 -8.82
CA ALA A 189 -2.01 4.06 -8.11
C ALA A 189 -2.17 3.88 -6.63
N LEU A 190 -3.42 3.92 -6.18
CA LEU A 190 -3.71 3.72 -4.77
C LEU A 190 -3.45 2.29 -4.39
N ILE A 191 -3.65 1.39 -5.33
CA ILE A 191 -3.35 -0.03 -5.05
C ILE A 191 -1.84 -0.16 -4.91
N SER A 192 -1.11 0.52 -5.79
CA SER A 192 0.32 0.36 -5.79
C SER A 192 0.96 1.01 -4.56
N ALA A 193 0.46 2.18 -4.18
CA ALA A 193 0.92 2.81 -2.95
C ALA A 193 0.69 1.87 -1.77
N ALA A 194 -0.47 1.20 -1.71
CA ALA A 194 -0.67 0.29 -0.55
C ALA A 194 0.22 -0.98 -0.57
N GLN A 195 0.45 -1.55 -1.75
CA GLN A 195 1.37 -2.66 -1.90
C GLN A 195 2.76 -2.22 -1.46
N GLU A 196 3.20 -1.06 -1.83
CA GLU A 196 4.52 -0.64 -1.38
C GLU A 196 4.64 -0.36 0.10
N ARG A 197 3.63 0.29 0.67
CA ARG A 197 3.62 0.57 2.11
C ARG A 197 3.78 -0.73 2.90
N LEU A 198 3.23 -1.80 2.35
CA LEU A 198 3.30 -3.15 2.96
C LEU A 198 4.69 -3.76 2.80
N ARG A 199 5.31 -3.56 1.64
CA ARG A 199 6.69 -3.95 1.49
C ARG A 199 7.55 -3.20 2.51
N CYS A 200 7.34 -1.90 2.68
CA CYS A 200 8.18 -1.13 3.57
C CYS A 200 7.98 -1.53 5.01
N ALA A 201 6.72 -1.68 5.46
CA ALA A 201 6.47 -2.13 6.81
C ALA A 201 7.07 -3.49 7.07
N SER A 202 7.00 -4.40 6.11
CA SER A 202 7.55 -5.71 6.33
C SER A 202 9.02 -5.59 6.61
N ILE A 203 9.73 -4.88 5.75
CA ILE A 203 11.16 -4.71 5.92
C ILE A 203 11.53 -4.09 7.23
N GLN A 204 10.87 -2.99 7.53
CA GLN A 204 11.12 -2.17 8.70
C GLN A 204 10.73 -2.86 10.00
N LYS A 205 9.52 -3.43 10.06
CA LYS A 205 8.97 -3.89 11.29
C LYS A 205 9.25 -5.37 11.48
N PHE A 206 9.42 -6.09 10.40
CA PHE A 206 9.67 -7.51 10.54
C PHE A 206 11.02 -7.97 10.01
N GLY A 207 11.75 -7.15 9.25
CA GLY A 207 13.08 -7.58 8.77
C GLY A 207 13.11 -7.93 7.30
N ASP A 208 14.26 -7.70 6.68
CA ASP A 208 14.53 -8.15 5.31
C ASP A 208 13.96 -9.51 4.94
N ARG A 209 14.18 -10.48 5.83
CA ARG A 209 13.73 -11.85 5.62
C ARG A 209 12.25 -12.00 5.32
N ALA A 210 11.41 -11.23 6.02
CA ALA A 210 9.92 -11.27 5.84
C ALA A 210 9.54 -10.79 4.46
N TYR A 211 10.22 -9.73 3.99
CA TYR A 211 10.04 -9.35 2.60
C TYR A 211 10.67 -10.39 1.64
N LYS A 212 11.85 -10.91 1.95
CA LYS A 212 12.41 -11.97 1.08
C LYS A 212 11.48 -13.17 0.93
N ALA A 213 10.90 -13.66 2.03
CA ALA A 213 10.07 -14.85 1.95
C ALA A 213 8.89 -14.59 1.05
N TRP A 214 8.24 -13.44 1.29
CA TRP A 214 7.07 -12.97 0.60
C TRP A 214 7.35 -12.91 -0.91
N ALA A 215 8.50 -12.31 -1.22
CA ALA A 215 8.91 -12.10 -2.60
C ALA A 215 9.21 -13.44 -3.26
N LEU A 216 9.87 -14.33 -2.52
CA LEU A 216 10.21 -15.63 -3.03
C LEU A 216 8.94 -16.34 -3.53
N VAL A 217 7.88 -16.25 -2.75
CA VAL A 217 6.64 -16.91 -3.05
C VAL A 217 6.03 -16.37 -4.31
N ARG A 218 5.97 -15.03 -4.40
CA ARG A 218 5.30 -14.34 -5.49
C ARG A 218 6.00 -14.60 -6.77
N LEU A 219 7.33 -14.42 -6.78
CA LEU A 219 8.11 -14.71 -7.98
C LEU A 219 8.11 -16.17 -8.37
N SER A 220 7.92 -17.05 -7.40
CA SER A 220 7.87 -18.48 -7.64
C SER A 220 6.59 -18.78 -8.42
N GLN A 221 5.53 -18.02 -8.16
CA GLN A 221 4.25 -18.30 -8.82
C GLN A 221 4.24 -17.59 -10.14
N ARG A 222 5.01 -16.53 -10.26
CA ARG A 222 4.99 -15.77 -11.50
C ARG A 222 5.95 -16.41 -12.53
N PHE A 223 7.04 -16.94 -11.99
CA PHE A 223 8.07 -17.53 -12.84
C PHE A 223 8.32 -18.98 -12.43
N PRO A 224 7.24 -19.76 -12.32
CA PRO A 224 7.28 -21.17 -11.94
C PRO A 224 8.27 -21.99 -12.72
N LYS A 225 8.76 -21.42 -13.81
CA LYS A 225 9.63 -22.18 -14.71
C LYS A 225 11.11 -21.97 -14.42
N ALA A 226 11.45 -20.82 -13.81
CA ALA A 226 12.85 -20.53 -13.53
C ALA A 226 13.40 -21.42 -12.39
N ASP A 227 14.72 -21.60 -12.34
CA ASP A 227 15.29 -22.33 -11.21
CA ASP A 227 15.36 -22.29 -11.23
C ASP A 227 15.45 -21.45 -9.96
N PHE A 228 15.56 -22.13 -8.82
CA PHE A 228 15.65 -21.54 -7.48
C PHE A 228 16.75 -20.51 -7.34
N THR A 229 17.88 -20.83 -7.95
CA THR A 229 19.04 -19.97 -7.98
C THR A 229 18.76 -18.60 -8.60
N ASP A 230 18.08 -18.63 -9.74
CA ASP A 230 17.70 -17.45 -10.49
C ASP A 230 16.58 -16.71 -9.74
N ILE A 231 15.57 -17.41 -9.26
CA ILE A 231 14.55 -16.83 -8.40
C ILE A 231 15.20 -16.24 -7.10
N SER A 232 16.09 -16.95 -6.38
CA SER A 232 16.75 -16.33 -5.21
C SER A 232 17.49 -15.03 -5.56
N LYS A 233 18.20 -15.01 -6.67
CA LYS A 233 18.92 -13.84 -7.11
C LYS A 233 18.03 -12.64 -7.40
N ILE A 234 16.94 -12.89 -8.12
CA ILE A 234 16.02 -11.80 -8.36
C ILE A 234 15.45 -11.25 -7.01
N VAL A 235 15.21 -12.17 -6.08
CA VAL A 235 14.62 -11.88 -4.81
C VAL A 235 15.59 -11.01 -4.00
N THR A 236 16.88 -11.40 -4.04
CA THR A 236 17.96 -10.66 -3.41
C THR A 236 18.14 -9.25 -3.98
N ASP A 237 18.32 -9.07 -5.30
CA ASP A 237 18.32 -7.72 -5.91
C ASP A 237 17.03 -6.94 -5.65
N LEU A 238 15.90 -7.64 -5.63
CA LEU A 238 14.66 -6.88 -5.43
C LEU A 238 14.48 -6.42 -3.98
N THR A 239 14.95 -7.24 -3.01
CA THR A 239 14.93 -6.79 -1.63
C THR A 239 15.90 -5.58 -1.42
N LYS A 240 17.03 -5.57 -2.09
CA LYS A 240 17.90 -4.34 -1.99
C LYS A 240 17.25 -3.08 -2.63
N VAL A 241 16.52 -3.28 -3.75
CA VAL A 241 15.76 -2.22 -4.40
C VAL A 241 14.71 -1.63 -3.39
N HIS A 242 13.82 -2.47 -2.84
CA HIS A 242 12.86 -2.02 -1.82
C HIS A 242 13.41 -1.45 -0.51
N LYS A 243 14.45 -2.05 0.06
CA LYS A 243 15.15 -1.43 1.21
C LYS A 243 15.58 0.01 0.88
N GLU A 244 16.18 0.21 -0.30
CA GLU A 244 16.60 1.58 -0.65
C GLU A 244 15.39 2.48 -0.82
N CYS A 245 14.40 2.05 -1.62
CA CYS A 245 13.25 2.89 -1.86
C CYS A 245 12.55 3.26 -0.59
N CYS A 246 12.30 2.27 0.27
CA CYS A 246 11.55 2.40 1.49
C CYS A 246 12.30 3.30 2.48
N HIS A 247 13.59 3.53 2.26
CA HIS A 247 14.39 4.29 3.20
C HIS A 247 14.62 5.70 2.70
N GLY A 248 13.94 6.11 1.62
CA GLY A 248 14.24 7.37 0.96
C GLY A 248 15.49 7.45 0.10
N ASP A 249 16.12 6.36 -0.25
CA ASP A 249 17.23 6.38 -1.24
C ASP A 249 16.70 6.09 -2.70
N LEU A 250 16.04 7.06 -3.32
CA LEU A 250 15.21 6.79 -4.50
C LEU A 250 16.10 6.74 -5.69
N LEU A 251 17.16 7.55 -5.67
CA LEU A 251 18.06 7.58 -6.83
C LEU A 251 18.76 6.22 -7.00
N GLU A 252 19.21 5.69 -5.88
CA GLU A 252 19.82 4.40 -5.92
C GLU A 252 18.75 3.33 -6.11
N CYS A 253 17.58 3.53 -5.54
CA CYS A 253 16.51 2.60 -5.84
C CYS A 253 16.21 2.42 -7.34
N ALA A 254 16.06 3.55 -8.06
CA ALA A 254 15.64 3.56 -9.45
C ALA A 254 16.70 3.01 -10.39
N ASP A 255 17.97 3.28 -10.05
CA ASP A 255 19.15 2.85 -10.85
C ASP A 255 19.20 1.30 -10.73
N ASP A 256 19.07 0.81 -9.49
CA ASP A 256 19.04 -0.60 -9.17
C ASP A 256 17.84 -1.36 -9.75
N ARG A 257 16.63 -0.78 -9.66
CA ARG A 257 15.50 -1.37 -10.34
C ARG A 257 15.77 -1.56 -11.85
N ALA A 258 16.26 -0.52 -12.50
CA ALA A 258 16.64 -0.52 -13.92
C ALA A 258 17.73 -1.55 -14.19
N ASP A 259 18.63 -1.68 -13.25
CA ASP A 259 19.66 -2.69 -13.45
C ASP A 259 19.00 -4.05 -13.48
N LEU A 260 18.00 -4.25 -12.64
CA LEU A 260 17.39 -5.58 -12.51
C LEU A 260 16.48 -5.97 -13.69
N ALA A 261 15.70 -5.01 -14.21
CA ALA A 261 14.87 -5.24 -15.36
C ALA A 261 15.76 -5.66 -16.51
N LYS A 262 16.91 -5.00 -16.58
CA LYS A 262 17.82 -5.21 -17.70
C LYS A 262 18.31 -6.62 -17.59
N TYR A 263 18.55 -7.03 -16.33
CA TYR A 263 19.10 -8.37 -16.06
C TYR A 263 18.03 -9.40 -16.37
N MET A 264 16.79 -9.07 -16.02
CA MET A 264 15.71 -10.00 -16.30
C MET A 264 15.52 -10.22 -17.80
N CYS A 265 15.66 -9.15 -18.59
CA CYS A 265 15.49 -9.25 -20.04
C CYS A 265 16.63 -10.00 -20.75
N GLU A 266 17.85 -9.72 -20.34
CA GLU A 266 19.06 -10.45 -20.75
C GLU A 266 18.96 -11.96 -20.44
N HIS A 267 18.00 -12.36 -19.61
CA HIS A 267 17.94 -13.74 -19.14
C HIS A 267 16.56 -14.37 -19.25
N GLN A 268 15.64 -13.71 -19.94
CA GLN A 268 14.29 -14.21 -20.14
C GLN A 268 14.17 -15.65 -20.69
N GLU A 269 15.06 -16.08 -21.57
CA GLU A 269 14.95 -17.48 -22.03
C GLU A 269 14.86 -18.45 -20.82
N THR A 270 15.71 -18.24 -19.83
CA THR A 270 15.64 -19.06 -18.64
C THR A 270 14.68 -18.56 -17.54
N ILE A 271 13.83 -17.56 -17.82
CA ILE A 271 12.94 -17.08 -16.76
C ILE A 271 11.45 -17.22 -17.14
N SER A 272 10.98 -16.54 -18.19
CA SER A 272 9.56 -16.68 -18.56
C SER A 272 9.32 -16.37 -20.02
N SER A 273 8.36 -17.04 -20.65
CA SER A 273 8.04 -16.72 -22.04
C SER A 273 7.44 -15.33 -22.09
N HIS A 274 6.58 -15.03 -21.10
CA HIS A 274 5.85 -13.78 -21.02
C HIS A 274 6.68 -12.47 -21.00
N LEU A 275 8.02 -12.59 -20.86
CA LEU A 275 8.93 -11.43 -20.77
C LEU A 275 9.13 -10.69 -22.11
N LYS A 276 8.97 -11.41 -23.24
CA LYS A 276 9.03 -10.81 -24.59
C LYS A 276 8.30 -9.49 -24.58
N GLU A 277 7.03 -9.54 -24.20
CA GLU A 277 6.23 -8.32 -24.07
CA GLU A 277 6.23 -8.33 -24.07
C GLU A 277 7.10 -7.19 -23.49
N CYS A 278 7.41 -7.29 -22.18
CA CYS A 278 8.08 -6.27 -21.44
C CYS A 278 9.40 -5.78 -21.99
N CYS A 279 10.19 -6.70 -22.54
CA CYS A 279 11.59 -6.41 -22.76
C CYS A 279 11.78 -5.57 -24.04
N ASP A 280 10.71 -5.51 -24.82
CA ASP A 280 10.65 -4.61 -25.97
C ASP A 280 10.42 -3.15 -25.63
N LYS A 281 9.99 -2.87 -24.41
CA LYS A 281 9.62 -1.52 -23.99
C LYS A 281 10.71 -0.57 -23.40
N PRO A 282 10.51 0.76 -23.48
CA PRO A 282 11.35 1.76 -22.77
C PRO A 282 11.38 1.53 -21.26
N ILE A 283 12.35 2.13 -20.53
CA ILE A 283 12.66 1.80 -19.10
C ILE A 283 11.48 1.62 -18.15
N LEU A 284 10.62 2.61 -18.07
CA LEU A 284 9.64 2.60 -17.00
C LEU A 284 8.52 1.61 -17.30
N GLU A 285 8.02 1.67 -18.54
CA GLU A 285 7.04 0.73 -19.04
C GLU A 285 7.58 -0.67 -18.91
N LYS A 286 8.89 -0.84 -19.07
CA LYS A 286 9.43 -2.22 -19.04
C LYS A 286 9.46 -2.81 -17.62
N ALA A 287 9.93 -2.01 -16.65
CA ALA A 287 9.94 -2.38 -15.26
C ALA A 287 8.55 -2.52 -14.69
N HIS A 288 7.65 -1.61 -15.02
CA HIS A 288 6.25 -1.76 -14.67
C HIS A 288 5.68 -3.06 -15.21
N CYS A 289 5.92 -3.31 -16.51
CA CYS A 289 5.38 -4.51 -17.19
C CYS A 289 5.79 -5.73 -16.40
N ILE A 290 7.09 -6.02 -16.30
CA ILE A 290 7.67 -7.02 -15.37
C ILE A 290 7.07 -7.05 -13.91
N TYR A 291 6.83 -5.86 -13.34
CA TYR A 291 6.31 -5.69 -11.97
C TYR A 291 4.95 -6.37 -11.82
N GLY A 292 4.11 -6.34 -12.84
CA GLY A 292 2.76 -6.88 -12.73
C GLY A 292 2.48 -8.00 -13.68
N LEU A 293 3.51 -8.73 -14.09
CA LEU A 293 3.43 -9.72 -15.14
C LEU A 293 2.62 -10.97 -14.76
N HIS A 294 1.68 -11.35 -15.60
CA HIS A 294 0.78 -12.47 -15.33
C HIS A 294 1.62 -13.76 -15.23
N ASN A 295 1.16 -14.72 -14.45
CA ASN A 295 2.04 -15.82 -14.06
C ASN A 295 2.31 -16.66 -15.27
N ASP A 296 3.49 -17.25 -15.34
CA ASP A 296 3.75 -18.14 -16.44
C ASP A 296 3.08 -19.46 -16.14
N GLU A 297 2.90 -20.27 -17.19
CA GLU A 297 2.38 -21.61 -17.02
C GLU A 297 3.41 -22.45 -16.31
N THR A 298 2.95 -23.08 -15.26
CA THR A 298 3.73 -24.05 -14.50
C THR A 298 4.23 -25.23 -15.37
N PRO A 299 5.55 -25.51 -15.36
CA PRO A 299 6.17 -26.57 -16.20
C PRO A 299 5.58 -27.98 -16.01
N ALA A 300 5.45 -28.72 -17.11
CA ALA A 300 4.87 -30.10 -17.18
C ALA A 300 5.40 -31.20 -16.21
N GLY A 301 6.71 -31.29 -16.01
CA GLY A 301 7.28 -32.53 -15.49
C GLY A 301 7.78 -32.61 -14.05
N LEU A 302 7.12 -31.91 -13.13
CA LEU A 302 7.53 -31.89 -11.71
C LEU A 302 7.17 -33.10 -10.83
N PRO A 303 8.13 -33.57 -10.01
CA PRO A 303 7.77 -34.70 -9.13
C PRO A 303 6.75 -34.24 -8.06
N ALA A 304 6.09 -35.19 -7.41
CA ALA A 304 5.25 -34.85 -6.26
C ALA A 304 6.07 -34.13 -5.17
N VAL A 305 5.38 -33.22 -4.50
CA VAL A 305 6.02 -32.40 -3.48
C VAL A 305 6.38 -33.23 -2.21
N ALA A 306 5.52 -34.21 -1.85
CA ALA A 306 5.88 -35.16 -0.82
C ALA A 306 7.21 -35.89 -1.03
N GLU A 307 7.70 -35.89 -2.26
CA GLU A 307 8.89 -36.70 -2.56
C GLU A 307 10.16 -35.97 -2.05
N GLU A 308 10.15 -34.64 -2.05
CA GLU A 308 11.33 -33.98 -1.56
C GLU A 308 11.29 -33.54 -0.11
N PHE A 309 10.07 -33.43 0.44
CA PHE A 309 9.84 -32.79 1.73
C PHE A 309 9.06 -33.63 2.74
N VAL A 310 8.76 -34.85 2.37
CA VAL A 310 8.26 -35.79 3.36
C VAL A 310 9.10 -37.09 3.24
N GLU A 311 9.27 -37.62 2.03
CA GLU A 311 9.78 -39.01 1.91
C GLU A 311 11.26 -39.14 2.17
N ASP A 312 12.03 -38.22 1.63
CA ASP A 312 13.47 -38.25 1.68
C ASP A 312 14.00 -38.38 3.13
N LYS A 313 14.82 -39.41 3.32
CA LYS A 313 15.62 -39.61 4.53
C LYS A 313 16.15 -38.31 5.09
N ASP A 314 16.55 -37.39 4.22
CA ASP A 314 17.33 -36.26 4.68
C ASP A 314 16.58 -34.96 5.04
N VAL A 315 15.37 -35.11 5.55
CA VAL A 315 14.48 -34.00 5.70
C VAL A 315 14.89 -33.23 6.96
N CYS A 316 15.01 -33.95 8.07
CA CYS A 316 15.48 -33.39 9.33
C CYS A 316 16.87 -32.78 9.21
N LYS A 317 17.80 -33.50 8.58
CA LYS A 317 19.14 -32.94 8.33
C LYS A 317 19.18 -31.62 7.53
N ASN A 318 18.45 -31.54 6.42
CA ASN A 318 18.46 -30.34 5.62
C ASN A 318 17.83 -29.19 6.40
N TYR A 319 16.84 -29.53 7.20
CA TYR A 319 16.15 -28.55 7.95
C TYR A 319 17.09 -27.99 9.07
N GLU A 320 17.97 -28.85 9.56
CA GLU A 320 18.86 -28.58 10.67
C GLU A 320 20.15 -27.96 10.19
N GLU A 321 20.62 -28.43 9.02
CA GLU A 321 21.92 -28.01 8.58
C GLU A 321 21.90 -26.75 7.70
N ALA A 322 20.74 -26.45 7.08
CA ALA A 322 20.61 -25.33 6.18
C ALA A 322 19.17 -24.94 6.21
N LYS A 323 18.78 -24.35 7.32
CA LYS A 323 17.37 -24.07 7.50
C LYS A 323 16.77 -23.24 6.40
N ASP A 324 17.40 -22.11 6.13
CA ASP A 324 16.84 -21.13 5.20
C ASP A 324 16.83 -21.63 3.78
N LEU A 325 17.91 -22.27 3.39
CA LEU A 325 18.01 -22.70 2.04
C LEU A 325 16.94 -23.77 1.86
N PHE A 326 16.84 -24.67 2.86
CA PHE A 326 15.84 -25.72 2.81
C PHE A 326 14.41 -25.23 2.86
N LEU A 327 14.08 -24.28 3.76
CA LEU A 327 12.69 -23.70 3.79
C LEU A 327 12.41 -22.82 2.57
N GLY A 328 13.44 -22.13 2.09
CA GLY A 328 13.26 -21.40 0.84
C GLY A 328 12.77 -22.32 -0.28
N LYS A 329 13.54 -23.39 -0.48
CA LYS A 329 13.34 -24.29 -1.56
C LYS A 329 11.95 -24.86 -1.46
N PHE A 330 11.50 -25.07 -0.21
CA PHE A 330 10.14 -25.48 0.03
C PHE A 330 9.16 -24.43 -0.52
N LEU A 331 9.30 -23.17 -0.11
CA LEU A 331 8.38 -22.11 -0.54
C LEU A 331 8.32 -22.06 -2.09
N TYR A 332 9.51 -22.10 -2.71
CA TYR A 332 9.71 -22.19 -4.13
C TYR A 332 8.96 -23.34 -4.79
N GLU A 333 9.11 -24.55 -4.25
CA GLU A 333 8.49 -25.69 -4.86
C GLU A 333 7.02 -25.68 -4.68
N TYR A 334 6.61 -25.56 -3.44
CA TYR A 334 5.21 -25.45 -3.19
C TYR A 334 4.52 -24.23 -3.96
N SER A 335 5.14 -23.03 -3.92
CA SER A 335 4.45 -21.83 -4.43
C SER A 335 4.21 -21.91 -5.92
N ARG A 336 5.13 -22.61 -6.56
CA ARG A 336 5.18 -22.65 -7.99
C ARG A 336 4.14 -23.65 -8.55
N ARG A 337 3.73 -24.60 -7.71
CA ARG A 337 2.67 -25.48 -8.11
C ARG A 337 1.30 -24.89 -7.79
N HIS A 338 1.23 -23.85 -6.99
CA HIS A 338 -0.05 -23.22 -6.63
C HIS A 338 -0.22 -21.70 -6.89
N PRO A 339 -0.40 -21.24 -8.14
CA PRO A 339 -0.75 -19.82 -8.31
C PRO A 339 -2.18 -19.37 -7.91
N ASP A 340 -2.96 -20.29 -7.34
CA ASP A 340 -4.36 -20.07 -6.95
C ASP A 340 -4.44 -19.87 -5.45
N TYR A 341 -3.28 -19.94 -4.81
CA TYR A 341 -3.16 -19.55 -3.45
C TYR A 341 -2.72 -18.08 -3.37
N SER A 342 -3.09 -17.40 -2.28
CA SER A 342 -2.60 -16.04 -1.94
C SER A 342 -1.18 -16.20 -1.41
N VAL A 343 -0.36 -15.14 -1.50
CA VAL A 343 0.99 -15.35 -1.06
C VAL A 343 1.02 -15.61 0.44
N VAL A 344 -0.01 -15.04 1.11
CA VAL A 344 -0.08 -15.10 2.53
C VAL A 344 -0.43 -16.49 2.99
N LEU A 345 -1.37 -17.15 2.29
CA LEU A 345 -1.66 -18.55 2.59
C LEU A 345 -0.38 -19.38 2.46
N LEU A 346 0.27 -19.32 1.29
CA LEU A 346 1.47 -20.11 1.05
C LEU A 346 2.57 -19.86 2.12
N LEU A 347 2.59 -18.68 2.68
CA LEU A 347 3.55 -18.39 3.72
C LEU A 347 3.08 -18.99 5.04
N ARG A 348 1.76 -19.05 5.26
CA ARG A 348 1.20 -19.70 6.46
C ARG A 348 1.47 -21.19 6.42
N LEU A 349 1.35 -21.75 5.22
CA LEU A 349 1.64 -23.15 5.00
C LEU A 349 3.14 -23.45 5.22
N GLY A 350 4.02 -22.61 4.68
CA GLY A 350 5.46 -22.66 4.94
C GLY A 350 5.79 -22.57 6.42
N LYS A 351 5.04 -21.73 7.16
CA LYS A 351 5.17 -21.60 8.61
C LYS A 351 4.80 -22.94 9.32
N ALA A 352 3.66 -23.51 8.91
CA ALA A 352 3.12 -24.73 9.54
C ALA A 352 4.08 -25.92 9.33
N TYR A 353 4.59 -26.07 8.11
CA TYR A 353 5.58 -27.06 7.73
C TYR A 353 6.86 -26.94 8.57
N GLU A 354 7.32 -25.71 8.75
CA GLU A 354 8.36 -25.40 9.67
C GLU A 354 8.04 -25.75 11.11
N ALA A 355 6.94 -25.29 11.66
CA ALA A 355 6.61 -25.73 13.04
C ALA A 355 6.55 -27.26 13.12
N THR A 356 6.24 -27.92 12.01
CA THR A 356 6.13 -29.39 12.07
C THR A 356 7.49 -30.00 12.12
N LEU A 357 8.38 -29.58 11.23
CA LEU A 357 9.75 -30.07 11.34
C LEU A 357 10.37 -29.81 12.72
N LYS A 358 10.09 -28.66 13.27
CA LYS A 358 10.66 -28.22 14.56
C LYS A 358 10.19 -29.18 15.64
N LYS A 359 8.90 -29.48 15.66
CA LYS A 359 8.34 -30.38 16.66
C LYS A 359 8.84 -31.83 16.44
N CYS A 360 8.75 -32.29 15.20
CA CYS A 360 8.91 -33.70 14.83
C CYS A 360 10.37 -34.12 14.70
N CYS A 361 11.23 -33.23 14.19
CA CYS A 361 12.66 -33.54 14.10
C CYS A 361 13.36 -33.77 15.46
N ALA A 362 12.71 -33.40 16.55
CA ALA A 362 13.29 -33.68 17.89
C ALA A 362 12.66 -34.88 18.59
N THR A 363 11.83 -35.63 17.86
CA THR A 363 11.35 -36.97 18.34
C THR A 363 12.26 -38.15 17.94
N ASP A 364 11.87 -39.33 18.45
CA ASP A 364 12.41 -40.70 18.17
CA ASP A 364 12.57 -40.61 18.16
C ASP A 364 12.39 -41.08 16.70
N ASP A 365 11.27 -40.70 16.06
CA ASP A 365 10.84 -41.16 14.74
C ASP A 365 10.14 -39.97 14.04
N PRO A 366 10.94 -39.12 13.36
CA PRO A 366 10.43 -37.83 12.91
C PRO A 366 9.46 -38.03 11.78
N HIS A 367 9.79 -38.99 10.91
CA HIS A 367 8.95 -39.33 9.78
C HIS A 367 7.54 -39.67 10.18
N ALA A 368 7.39 -40.57 11.14
CA ALA A 368 6.07 -40.92 11.65
C ALA A 368 5.41 -39.68 12.24
N CYS A 369 6.22 -38.70 12.60
CA CYS A 369 5.63 -37.54 13.24
C CYS A 369 5.13 -36.55 12.17
N TYR A 370 5.97 -36.32 11.14
CA TYR A 370 5.64 -35.36 10.11
C TYR A 370 5.04 -35.95 8.83
N ALA A 371 4.57 -37.20 8.93
CA ALA A 371 4.07 -37.94 7.76
C ALA A 371 2.88 -37.24 7.16
N LYS A 372 1.96 -36.81 8.01
CA LYS A 372 0.73 -36.14 7.62
C LYS A 372 0.81 -34.56 7.37
N VAL A 373 2.02 -34.03 7.36
CA VAL A 373 2.29 -32.56 7.20
C VAL A 373 1.65 -31.87 6.00
N LEU A 374 1.96 -32.29 4.77
CA LEU A 374 1.29 -31.74 3.60
C LEU A 374 -0.23 -31.93 3.69
N ASP A 375 -0.70 -33.11 4.08
CA ASP A 375 -2.12 -33.26 4.30
C ASP A 375 -2.73 -32.32 5.35
N GLU A 376 -1.96 -31.92 6.36
CA GLU A 376 -2.49 -31.22 7.53
C GLU A 376 -2.79 -29.74 7.28
N PHE A 377 -2.32 -29.26 6.13
CA PHE A 377 -2.65 -27.98 5.55
C PHE A 377 -4.15 -27.74 5.29
N GLN A 378 -4.91 -28.81 4.95
CA GLN A 378 -6.21 -28.55 4.30
C GLN A 378 -7.11 -27.55 5.06
N PRO A 379 -7.18 -27.65 6.40
CA PRO A 379 -7.94 -26.63 7.15
C PRO A 379 -7.52 -25.18 6.86
N LEU A 380 -6.21 -24.97 6.81
CA LEU A 380 -5.67 -23.65 6.62
C LEU A 380 -6.06 -23.14 5.22
N VAL A 381 -6.11 -24.03 4.25
CA VAL A 381 -6.63 -23.67 2.96
C VAL A 381 -8.09 -23.38 3.03
N ASP A 382 -8.85 -24.23 3.74
CA ASP A 382 -10.30 -24.12 3.71
C ASP A 382 -10.72 -22.84 4.38
N GLU A 383 -9.96 -22.40 5.40
CA GLU A 383 -10.42 -21.27 6.18
C GLU A 383 -10.64 -20.01 5.35
N PRO A 384 -9.66 -19.57 4.54
CA PRO A 384 -9.90 -18.37 3.75
C PRO A 384 -10.84 -18.51 2.53
N LYS A 385 -11.03 -19.71 2.02
CA LYS A 385 -11.99 -19.97 0.93
C LYS A 385 -13.44 -19.72 1.33
N ASN A 386 -13.77 -20.04 2.57
CA ASN A 386 -15.09 -19.70 3.09
C ASN A 386 -15.20 -18.18 3.38
N LEU A 387 -14.12 -17.55 3.84
CA LEU A 387 -14.28 -16.13 4.10
C LEU A 387 -14.65 -15.47 2.75
N VAL A 388 -14.06 -15.96 1.67
CA VAL A 388 -14.27 -15.39 0.35
C VAL A 388 -15.71 -15.60 -0.16
N LYS A 389 -16.22 -16.79 0.10
CA LYS A 389 -17.52 -17.17 -0.31
C LYS A 389 -18.61 -16.39 0.40
N GLN A 390 -18.51 -16.34 1.73
CA GLN A 390 -19.52 -15.68 2.55
C GLN A 390 -19.56 -14.18 2.18
N ASN A 391 -18.39 -13.56 2.03
CA ASN A 391 -18.29 -12.13 1.85
C ASN A 391 -18.60 -11.69 0.40
N CYS A 392 -18.14 -12.45 -0.58
CA CYS A 392 -18.61 -12.18 -1.99
C CYS A 392 -20.10 -12.35 -2.21
N GLU A 393 -20.70 -13.37 -1.61
CA GLU A 393 -22.14 -13.54 -1.66
C GLU A 393 -22.78 -12.22 -1.19
N LEU A 394 -22.39 -11.78 0.01
CA LEU A 394 -22.89 -10.55 0.61
C LEU A 394 -22.69 -9.30 -0.22
N TYR A 395 -21.50 -9.20 -0.81
CA TYR A 395 -21.20 -8.09 -1.67
C TYR A 395 -22.21 -8.07 -2.85
N GLU A 396 -22.39 -9.21 -3.50
CA GLU A 396 -23.29 -9.40 -4.66
C GLU A 396 -24.69 -9.04 -4.27
N GLN A 397 -25.09 -9.48 -3.11
CA GLN A 397 -26.33 -9.06 -2.51
C GLN A 397 -26.49 -7.59 -2.23
N LEU A 398 -25.50 -6.96 -1.59
CA LEU A 398 -25.65 -5.61 -1.07
C LEU A 398 -25.22 -4.49 -2.05
N GLY A 399 -24.22 -4.78 -2.90
CA GLY A 399 -23.64 -3.71 -3.72
C GLY A 399 -22.70 -2.86 -2.85
N ASP A 400 -21.96 -2.00 -3.53
CA ASP A 400 -20.81 -1.30 -2.95
C ASP A 400 -21.10 -0.59 -1.67
N TYR A 401 -22.06 0.33 -1.71
CA TYR A 401 -22.38 1.18 -0.61
C TYR A 401 -22.83 0.41 0.60
N ASN A 402 -23.70 -0.59 0.40
CA ASN A 402 -24.28 -1.28 1.55
C ASN A 402 -23.35 -2.35 2.03
N PHE A 403 -22.47 -2.83 1.17
CA PHE A 403 -21.44 -3.76 1.61
C PHE A 403 -20.41 -2.96 2.45
N GLN A 404 -20.08 -1.77 1.97
CA GLN A 404 -19.26 -0.90 2.84
C GLN A 404 -19.95 -0.62 4.18
N ASN A 405 -21.24 -0.32 4.13
CA ASN A 405 -21.94 -0.02 5.41
C ASN A 405 -21.86 -1.18 6.39
N ALA A 406 -21.96 -2.40 5.86
CA ALA A 406 -21.97 -3.59 6.71
C ALA A 406 -20.58 -3.80 7.30
N LEU A 407 -19.55 -3.56 6.49
CA LEU A 407 -18.19 -3.73 6.97
C LEU A 407 -17.82 -2.65 7.97
N LEU A 408 -18.47 -1.49 7.85
CA LEU A 408 -18.24 -0.40 8.76
C LEU A 408 -18.77 -0.75 10.12
N VAL A 409 -19.96 -1.32 10.12
CA VAL A 409 -20.59 -1.75 11.35
C VAL A 409 -19.75 -2.85 11.98
N ARG A 410 -19.26 -3.76 11.12
CA ARG A 410 -18.56 -4.95 11.60
C ARG A 410 -17.27 -4.57 12.29
N TYR A 411 -16.55 -3.66 11.61
CA TYR A 411 -15.21 -3.25 12.01
C TYR A 411 -15.24 -2.29 13.19
N THR A 412 -16.26 -1.47 13.25
CA THR A 412 -16.39 -0.52 14.33
C THR A 412 -16.71 -1.29 15.61
N LYS A 413 -17.48 -2.37 15.53
CA LYS A 413 -17.75 -3.12 16.73
C LYS A 413 -16.52 -3.96 17.15
N LYS A 414 -15.69 -4.45 16.21
CA LYS A 414 -14.54 -5.27 16.60
C LYS A 414 -13.55 -4.37 17.33
N VAL A 415 -13.28 -3.19 16.75
CA VAL A 415 -12.17 -2.27 17.19
C VAL A 415 -12.65 -0.80 17.32
N PRO A 416 -13.58 -0.56 18.27
CA PRO A 416 -14.23 0.73 18.25
C PRO A 416 -13.36 1.88 18.84
N GLN A 417 -12.22 1.53 19.44
CA GLN A 417 -11.33 2.63 19.86
C GLN A 417 -10.67 3.27 18.60
N VAL A 418 -10.54 2.53 17.52
CA VAL A 418 -9.88 3.10 16.32
C VAL A 418 -10.67 4.39 15.94
N SER A 419 -9.95 5.46 15.57
CA SER A 419 -10.55 6.71 15.11
C SER A 419 -11.51 6.58 13.94
N THR A 420 -12.51 7.41 13.93
CA THR A 420 -13.57 7.34 12.97
C THR A 420 -13.06 7.47 11.52
N PRO A 421 -12.27 8.53 11.23
CA PRO A 421 -11.63 8.55 9.90
C PRO A 421 -10.87 7.28 9.53
N THR A 422 -10.13 6.69 10.45
CA THR A 422 -9.44 5.47 10.02
C THR A 422 -10.47 4.35 9.70
N LEU A 423 -11.55 4.27 10.49
CA LEU A 423 -12.52 3.17 10.30
C LEU A 423 -13.34 3.40 9.02
N VAL A 424 -13.82 4.61 8.80
CA VAL A 424 -14.40 4.90 7.51
C VAL A 424 -13.37 4.43 6.42
N GLU A 425 -12.14 4.93 6.43
CA GLU A 425 -11.22 4.68 5.29
C GLU A 425 -10.91 3.14 5.03
N ILE A 426 -10.73 2.38 6.12
CA ILE A 426 -10.48 0.97 6.10
C ILE A 426 -11.67 0.21 5.58
N SER A 427 -12.83 0.43 6.16
CA SER A 427 -14.01 -0.22 5.67
C SER A 427 -14.29 -0.02 4.21
N ARG A 428 -14.06 1.20 3.71
CA ARG A 428 -14.40 1.53 2.33
C ARG A 428 -13.45 0.79 1.40
N SER A 429 -12.22 0.61 1.85
CA SER A 429 -11.23 -0.07 1.10
C SER A 429 -11.53 -1.57 1.11
N LEU A 430 -11.96 -2.08 2.25
CA LEU A 430 -12.37 -3.48 2.32
C LEU A 430 -13.49 -3.73 1.34
N GLY A 431 -14.44 -2.83 1.32
CA GLY A 431 -15.41 -2.74 0.27
C GLY A 431 -14.84 -2.70 -1.12
N LYS A 432 -13.70 -2.06 -1.35
CA LYS A 432 -13.12 -2.14 -2.69
C LYS A 432 -12.58 -3.55 -3.05
N VAL A 433 -12.10 -4.29 -2.08
CA VAL A 433 -11.66 -5.66 -2.34
C VAL A 433 -12.81 -6.48 -3.01
N GLY A 434 -14.02 -6.31 -2.46
CA GLY A 434 -15.27 -6.80 -3.07
C GLY A 434 -15.54 -6.53 -4.54
N SER A 435 -15.49 -5.27 -5.00
CA SER A 435 -15.62 -5.02 -6.46
C SER A 435 -14.46 -5.56 -7.26
N LYS A 436 -13.27 -5.46 -6.75
CA LYS A 436 -12.12 -5.94 -7.52
C LYS A 436 -12.23 -7.44 -7.74
N CYS A 437 -12.49 -8.19 -6.68
CA CYS A 437 -12.21 -9.62 -6.68
C CYS A 437 -13.42 -10.54 -6.81
N CYS A 438 -14.61 -10.08 -6.52
CA CYS A 438 -15.74 -11.04 -6.53
C CYS A 438 -16.23 -11.42 -7.90
N LYS A 439 -15.82 -10.66 -8.92
CA LYS A 439 -16.21 -10.96 -10.28
C LYS A 439 -15.33 -12.02 -10.91
N HIS A 440 -14.26 -12.44 -10.25
CA HIS A 440 -13.40 -13.46 -10.90
C HIS A 440 -13.93 -14.82 -10.56
N PRO A 441 -13.82 -15.79 -11.51
CA PRO A 441 -14.23 -17.16 -11.18
C PRO A 441 -13.55 -17.58 -9.89
N GLU A 442 -14.25 -18.42 -9.11
CA GLU A 442 -13.83 -18.85 -7.77
C GLU A 442 -12.34 -19.16 -7.60
N ALA A 443 -11.72 -19.75 -8.62
CA ALA A 443 -10.32 -20.11 -8.57
C ALA A 443 -9.49 -18.89 -8.23
N GLU A 444 -9.68 -17.84 -9.04
CA GLU A 444 -8.94 -16.56 -8.94
C GLU A 444 -9.26 -15.67 -7.71
N ARG A 445 -10.40 -15.88 -7.06
CA ARG A 445 -10.78 -15.00 -5.98
C ARG A 445 -9.78 -14.96 -4.79
N LEU A 446 -9.37 -16.15 -4.32
CA LEU A 446 -8.59 -16.25 -3.11
C LEU A 446 -7.35 -15.42 -3.19
N PRO A 447 -6.52 -15.62 -4.22
CA PRO A 447 -5.30 -14.83 -4.31
C PRO A 447 -5.64 -13.35 -4.27
N CYS A 448 -6.65 -12.98 -5.06
CA CYS A 448 -7.07 -11.59 -5.21
C CYS A 448 -7.50 -11.04 -3.87
N VAL A 449 -8.29 -11.83 -3.16
CA VAL A 449 -8.92 -11.31 -1.96
C VAL A 449 -7.91 -11.25 -0.82
N GLU A 450 -7.32 -12.38 -0.52
CA GLU A 450 -6.53 -12.35 0.66
C GLU A 450 -5.28 -11.40 0.53
N ASP A 451 -4.63 -11.39 -0.63
CA ASP A 451 -3.52 -10.47 -0.84
C ASP A 451 -3.93 -9.03 -0.88
N TYR A 452 -5.07 -8.71 -1.45
CA TYR A 452 -5.58 -7.36 -1.30
C TYR A 452 -5.93 -6.98 0.20
N LEU A 453 -6.52 -7.88 0.99
CA LEU A 453 -6.87 -7.59 2.40
C LEU A 453 -5.61 -7.33 3.22
N SER A 454 -4.59 -8.03 2.83
CA SER A 454 -3.36 -7.94 3.54
C SER A 454 -2.79 -6.46 3.45
N VAL A 455 -2.92 -5.89 2.26
CA VAL A 455 -2.56 -4.53 1.94
C VAL A 455 -3.43 -3.49 2.69
N VAL A 456 -4.74 -3.71 2.74
CA VAL A 456 -5.67 -2.86 3.46
C VAL A 456 -5.51 -2.98 4.99
N LEU A 457 -5.24 -4.19 5.51
CA LEU A 457 -4.94 -4.33 6.95
C LEU A 457 -3.61 -3.67 7.36
N ASN A 458 -2.61 -3.74 6.50
CA ASN A 458 -1.41 -2.99 6.73
C ASN A 458 -1.67 -1.47 6.81
N ARG A 459 -2.56 -0.95 5.98
CA ARG A 459 -2.94 0.47 6.14
C ARG A 459 -3.44 0.74 7.58
N LEU A 460 -4.23 -0.21 8.08
CA LEU A 460 -4.75 -0.04 9.43
C LEU A 460 -3.58 -0.04 10.39
N CYS A 461 -2.72 -1.05 10.25
CA CYS A 461 -1.61 -1.21 11.12
C CYS A 461 -0.75 0.03 11.11
N VAL A 462 -0.52 0.64 9.94
CA VAL A 462 0.37 1.78 10.00
C VAL A 462 -0.35 3.04 10.46
N LEU A 463 -1.66 3.15 10.23
CA LEU A 463 -2.33 4.32 10.83
C LEU A 463 -2.29 4.21 12.30
N HIS A 464 -2.45 3.00 12.81
CA HIS A 464 -2.64 2.80 14.30
C HIS A 464 -1.36 2.97 15.12
N GLU A 465 -0.22 2.54 14.56
CA GLU A 465 1.08 2.44 15.26
C GLU A 465 1.59 3.77 15.81
N LYS A 466 1.18 4.80 15.13
CA LYS A 466 1.53 6.16 15.44
C LYS A 466 0.83 6.59 16.74
N THR A 467 -0.47 6.28 16.82
CA THR A 467 -1.37 6.68 17.91
C THR A 467 -2.04 5.42 18.49
N PRO A 468 -1.31 4.52 19.18
CA PRO A 468 -2.02 3.26 19.51
C PRO A 468 -3.18 3.46 20.52
N VAL A 469 -4.39 3.04 20.13
CA VAL A 469 -5.62 3.20 20.95
C VAL A 469 -6.27 1.84 21.21
N SER A 470 -6.07 0.86 20.30
CA SER A 470 -6.67 -0.47 20.45
C SER A 470 -5.64 -1.59 20.62
N GLU A 471 -5.67 -2.15 21.81
CA GLU A 471 -4.89 -3.33 22.19
CA GLU A 471 -4.86 -3.27 22.17
C GLU A 471 -5.07 -4.45 21.20
N LYS A 472 -6.27 -4.59 20.63
CA LYS A 472 -6.47 -5.71 19.70
C LYS A 472 -5.79 -5.49 18.33
N VAL A 473 -5.80 -4.23 17.92
CA VAL A 473 -5.12 -3.83 16.71
C VAL A 473 -3.65 -3.96 16.89
N THR A 474 -3.15 -3.53 18.04
CA THR A 474 -1.73 -3.61 18.34
C THR A 474 -1.25 -5.06 18.27
N LYS A 475 -2.06 -5.93 18.91
CA LYS A 475 -1.78 -7.36 18.95
C LYS A 475 -1.81 -7.94 17.52
N CYS A 476 -2.94 -7.76 16.78
CA CYS A 476 -3.06 -8.34 15.44
C CYS A 476 -1.94 -7.86 14.51
N CYS A 477 -1.56 -6.60 14.63
CA CYS A 477 -0.55 -5.94 13.79
C CYS A 477 0.91 -6.29 14.14
N SER A 478 1.12 -6.68 15.38
CA SER A 478 2.48 -6.91 15.87
C SER A 478 2.91 -8.36 15.94
N GLU A 479 1.95 -9.27 15.90
CA GLU A 479 2.18 -10.68 16.12
C GLU A 479 2.72 -11.40 14.87
N SER A 480 2.10 -11.13 13.75
CA SER A 480 2.41 -11.70 12.45
C SER A 480 2.44 -10.59 11.43
N LEU A 481 3.03 -10.96 10.32
CA LEU A 481 2.75 -10.29 9.12
C LEU A 481 1.65 -11.16 8.59
N VAL A 482 1.92 -12.47 8.58
CA VAL A 482 1.18 -13.38 7.73
C VAL A 482 -0.21 -13.85 8.30
N ASP A 483 -0.42 -13.74 9.58
CA ASP A 483 -1.66 -14.16 10.19
C ASP A 483 -2.53 -12.94 10.49
N ARG A 484 -2.18 -11.80 9.91
CA ARG A 484 -2.94 -10.63 10.23
C ARG A 484 -4.37 -10.83 9.83
N ARG A 485 -4.63 -11.25 8.59
CA ARG A 485 -6.02 -11.39 8.22
C ARG A 485 -6.89 -12.32 9.11
N PRO A 486 -6.46 -13.61 9.32
CA PRO A 486 -7.16 -14.45 10.32
C PRO A 486 -7.21 -13.84 11.72
N CYS A 487 -6.19 -13.08 12.12
CA CYS A 487 -6.23 -12.49 13.47
C CYS A 487 -7.43 -11.51 13.54
N PHE A 488 -7.54 -10.63 12.56
CA PHE A 488 -8.64 -9.66 12.51
C PHE A 488 -9.97 -10.35 12.20
N SER A 489 -9.99 -11.35 11.32
CA SER A 489 -11.27 -12.02 11.03
C SER A 489 -11.85 -12.63 12.28
N ALA A 490 -10.99 -13.03 13.23
CA ALA A 490 -11.45 -13.86 14.33
C ALA A 490 -12.06 -13.04 15.43
N LEU A 491 -11.99 -11.73 15.30
CA LEU A 491 -12.36 -10.80 16.34
C LEU A 491 -13.88 -10.67 16.37
N GLY A 492 -14.45 -10.91 17.56
CA GLY A 492 -15.87 -10.71 17.78
C GLY A 492 -16.09 -9.26 18.18
N PRO A 493 -17.34 -8.84 18.30
CA PRO A 493 -17.53 -7.46 18.79
C PRO A 493 -16.76 -7.29 20.11
N ASP A 494 -16.28 -6.10 20.39
CA ASP A 494 -15.58 -5.92 21.61
C ASP A 494 -16.53 -5.58 22.76
N GLU A 495 -16.64 -6.46 23.73
CA GLU A 495 -17.66 -6.17 24.76
C GLU A 495 -17.00 -5.48 25.98
N THR A 496 -15.67 -5.28 25.94
CA THR A 496 -14.91 -4.48 26.93
C THR A 496 -15.19 -2.97 26.85
N TYR A 497 -15.40 -2.53 25.63
CA TYR A 497 -15.58 -1.13 25.24
C TYR A 497 -16.72 -0.43 25.92
N VAL A 498 -16.44 0.75 26.47
CA VAL A 498 -17.42 1.64 27.09
C VAL A 498 -17.96 2.51 25.98
N PRO A 499 -19.27 2.42 25.70
CA PRO A 499 -19.84 3.24 24.62
C PRO A 499 -19.68 4.73 24.90
N LYS A 500 -19.35 5.49 23.87
CA LYS A 500 -19.37 6.93 24.00
C LYS A 500 -20.80 7.40 24.07
N GLU A 501 -21.06 8.31 24.99
CA GLU A 501 -22.34 9.02 25.02
C GLU A 501 -22.44 9.95 23.84
N PHE A 502 -23.67 10.28 23.46
CA PHE A 502 -23.95 11.12 22.28
C PHE A 502 -22.94 12.26 22.22
N ASN A 503 -22.31 12.48 21.05
CA ASN A 503 -21.72 13.82 20.85
C ASN A 503 -22.56 14.77 20.00
N ALA A 504 -23.14 15.74 20.72
CA ALA A 504 -24.19 16.64 20.22
C ALA A 504 -24.00 17.07 18.76
N GLU A 505 -24.69 16.36 17.88
CA GLU A 505 -24.88 16.76 16.48
C GLU A 505 -23.55 17.09 15.80
N THR A 506 -22.55 16.23 16.01
CA THR A 506 -21.17 16.51 15.58
C THR A 506 -21.08 16.96 14.10
N PHE A 507 -22.03 16.51 13.28
CA PHE A 507 -22.08 16.79 11.84
C PHE A 507 -23.13 17.84 11.48
N THR A 508 -23.18 18.88 12.29
CA THR A 508 -23.93 20.07 11.98
C THR A 508 -22.92 21.21 11.84
N PHE A 509 -21.93 20.96 10.96
CA PHE A 509 -20.95 21.95 10.52
C PHE A 509 -21.62 23.27 10.15
N HIS A 510 -20.89 24.37 10.29
CA HIS A 510 -21.16 25.50 9.42
C HIS A 510 -21.00 24.77 8.07
N ALA A 511 -22.13 24.57 7.39
CA ALA A 511 -22.22 23.58 6.32
C ALA A 511 -21.44 23.90 5.03
N ASP A 512 -20.12 23.74 5.09
CA ASP A 512 -19.30 23.59 3.90
C ASP A 512 -19.84 22.33 3.22
N ILE A 513 -20.23 21.38 4.06
CA ILE A 513 -20.87 20.14 3.64
C ILE A 513 -21.70 20.21 2.34
N CYS A 514 -22.55 21.24 2.22
CA CYS A 514 -23.47 21.34 1.09
C CYS A 514 -22.78 21.48 -0.27
N THR A 515 -21.51 21.85 -0.23
CA THR A 515 -20.65 21.94 -1.45
C THR A 515 -20.08 20.58 -1.86
N LEU A 516 -20.35 19.55 -1.05
CA LEU A 516 -19.74 18.25 -1.36
C LEU A 516 -20.48 17.45 -2.45
N PRO A 517 -19.69 16.90 -3.39
CA PRO A 517 -20.21 15.87 -4.31
C PRO A 517 -20.78 14.67 -3.54
N GLU A 518 -21.73 13.97 -4.14
CA GLU A 518 -22.19 12.69 -3.61
C GLU A 518 -21.07 11.81 -2.97
N THR A 519 -19.93 11.66 -3.65
CA THR A 519 -18.82 10.87 -3.10
C THR A 519 -18.47 11.25 -1.67
N GLU A 520 -18.11 12.51 -1.46
CA GLU A 520 -17.76 13.00 -0.13
C GLU A 520 -18.97 12.99 0.79
N ARG A 521 -20.15 13.20 0.23
CA ARG A 521 -21.35 13.03 1.02
C ARG A 521 -21.54 11.58 1.58
N LYS A 522 -21.29 10.57 0.75
CA LYS A 522 -21.26 9.19 1.25
C LYS A 522 -20.30 9.05 2.44
N ILE A 523 -19.12 9.61 2.32
CA ILE A 523 -18.21 9.62 3.44
C ILE A 523 -18.81 10.23 4.70
N LYS A 524 -19.57 11.30 4.54
CA LYS A 524 -20.23 11.90 5.73
C LYS A 524 -21.30 11.01 6.36
N LYS A 525 -22.12 10.37 5.53
CA LYS A 525 -23.09 9.42 6.09
C LYS A 525 -22.37 8.29 6.81
N GLN A 526 -21.33 7.78 6.18
CA GLN A 526 -20.56 6.70 6.72
C GLN A 526 -19.84 7.07 8.07
N THR A 527 -19.40 8.31 8.17
CA THR A 527 -18.73 8.82 9.34
C THR A 527 -19.76 8.83 10.44
N ALA A 528 -20.98 9.30 10.10
CA ALA A 528 -22.10 9.33 11.07
C ALA A 528 -22.49 7.94 11.52
N LEU A 529 -22.47 7.02 10.57
CA LEU A 529 -22.88 5.64 10.82
C LEU A 529 -21.90 5.06 11.85
N VAL A 530 -20.63 5.25 11.58
CA VAL A 530 -19.59 4.84 12.52
C VAL A 530 -19.83 5.45 13.92
N GLU A 531 -20.01 6.77 13.99
CA GLU A 531 -20.31 7.43 15.28
C GLU A 531 -21.57 6.87 16.00
N LEU A 532 -22.66 6.66 15.26
CA LEU A 532 -23.84 5.93 15.81
C LEU A 532 -23.53 4.61 16.54
N VAL A 533 -22.80 3.73 15.85
CA VAL A 533 -22.39 2.43 16.31
C VAL A 533 -21.46 2.52 17.52
N LYS A 534 -20.60 3.55 17.59
CA LYS A 534 -19.79 3.76 18.79
C LYS A 534 -20.66 4.21 19.96
N HIS A 535 -21.71 4.95 19.66
CA HIS A 535 -22.64 5.35 20.68
C HIS A 535 -23.54 4.17 21.13
N LYS A 536 -23.99 3.38 20.15
CA LYS A 536 -25.00 2.40 20.43
C LYS A 536 -24.61 1.10 19.76
N PRO A 537 -23.63 0.42 20.32
CA PRO A 537 -23.10 -0.72 19.56
C PRO A 537 -23.95 -1.96 19.60
N HIS A 538 -25.05 -1.96 20.36
CA HIS A 538 -25.97 -3.05 20.36
C HIS A 538 -27.17 -2.71 19.52
N ALA A 539 -27.14 -1.58 18.84
CA ALA A 539 -28.27 -1.19 18.01
C ALA A 539 -28.50 -2.15 16.85
N THR A 540 -29.76 -2.36 16.50
CA THR A 540 -30.02 -3.10 15.28
C THR A 540 -29.73 -2.34 13.98
N ASN A 541 -29.47 -3.11 12.94
CA ASN A 541 -29.32 -2.62 11.59
C ASN A 541 -30.38 -1.70 11.10
N ASP A 542 -31.63 -2.04 11.36
CA ASP A 542 -32.71 -1.21 10.93
C ASP A 542 -32.69 0.07 11.75
N GLN A 543 -32.40 -0.04 13.04
CA GLN A 543 -32.34 1.13 13.86
C GLN A 543 -31.20 2.04 13.41
N LEU A 544 -30.11 1.46 12.87
CA LEU A 544 -28.97 2.25 12.38
C LEU A 544 -29.27 3.02 11.10
N LYS A 545 -30.06 2.41 10.25
CA LYS A 545 -30.41 2.93 8.94
C LYS A 545 -31.58 3.92 9.04
N THR A 546 -32.34 3.83 10.13
CA THR A 546 -33.38 4.81 10.30
C THR A 546 -32.69 6.15 10.70
N VAL A 547 -31.82 6.06 11.70
CA VAL A 547 -31.08 7.24 12.15
C VAL A 547 -30.22 7.87 11.07
N VAL A 548 -29.53 7.08 10.26
CA VAL A 548 -28.78 7.62 9.14
C VAL A 548 -29.72 8.31 8.19
N GLY A 549 -30.89 7.71 7.96
CA GLY A 549 -31.92 8.25 7.05
C GLY A 549 -32.37 9.66 7.38
N GLU A 550 -32.52 9.93 8.67
CA GLU A 550 -32.86 11.27 9.16
C GLU A 550 -31.65 12.19 9.14
N PHE A 551 -30.45 11.61 9.11
CA PHE A 551 -29.22 12.38 8.86
C PHE A 551 -29.22 12.91 7.41
N THR A 552 -29.35 12.03 6.41
CA THR A 552 -29.37 12.45 4.99
C THR A 552 -30.50 13.48 4.76
N ALA A 553 -31.72 13.10 5.15
CA ALA A 553 -32.87 13.99 5.23
C ALA A 553 -32.62 15.37 5.87
N LEU A 554 -31.83 15.40 6.93
CA LEU A 554 -31.52 16.65 7.61
C LEU A 554 -30.62 17.51 6.75
N LEU A 555 -29.72 16.86 6.00
CA LEU A 555 -28.76 17.54 5.13
C LEU A 555 -29.45 18.15 3.94
N ASP A 556 -30.51 17.51 3.45
CA ASP A 556 -31.28 18.07 2.35
C ASP A 556 -32.09 19.33 2.76
N LYS A 557 -32.77 19.23 3.91
CA LYS A 557 -33.64 20.30 4.39
C LYS A 557 -32.88 21.57 4.83
N CYS A 558 -31.67 21.42 5.36
CA CYS A 558 -30.86 22.58 5.75
C CYS A 558 -29.66 22.88 4.82
N CYS A 559 -29.64 22.23 3.65
CA CYS A 559 -28.78 22.65 2.53
C CYS A 559 -29.66 23.26 1.43
N SER A 560 -30.97 23.21 1.68
CA SER A 560 -31.97 23.86 0.84
C SER A 560 -32.32 25.23 1.41
N ALA A 561 -31.49 25.73 2.31
CA ALA A 561 -31.82 26.95 3.06
C ALA A 561 -30.76 28.06 3.01
N GLU A 562 -31.16 29.24 2.53
CA GLU A 562 -30.37 30.47 2.69
C GLU A 562 -30.13 30.72 4.18
N ASP A 563 -28.88 31.06 4.52
CA ASP A 563 -28.41 31.10 5.90
C ASP A 563 -28.26 29.65 6.38
N LYS A 564 -27.62 28.82 5.56
CA LYS A 564 -27.49 27.37 5.79
C LYS A 564 -27.24 27.04 7.26
N GLU A 565 -26.37 27.82 7.88
CA GLU A 565 -25.96 27.68 9.28
C GLU A 565 -27.14 27.58 10.28
N ALA A 566 -28.21 28.33 10.02
CA ALA A 566 -29.35 28.50 10.95
C ALA A 566 -30.03 27.20 11.40
N CYS A 567 -30.74 26.54 10.48
CA CYS A 567 -31.45 25.32 10.85
C CYS A 567 -30.53 24.12 11.15
N PHE A 568 -29.21 24.34 11.14
CA PHE A 568 -28.25 23.29 11.54
C PHE A 568 -28.01 23.22 13.04
N ALA A 569 -28.05 24.37 13.71
CA ALA A 569 -28.05 24.41 15.18
C ALA A 569 -29.47 24.15 15.72
N VAL A 570 -30.42 23.88 14.82
CA VAL A 570 -31.84 23.72 15.16
C VAL A 570 -32.41 22.35 14.80
N GLU A 571 -32.12 21.86 13.60
CA GLU A 571 -32.57 20.53 13.18
C GLU A 571 -31.81 19.42 13.90
N GLY A 572 -30.50 19.59 14.04
CA GLY A 572 -29.59 18.66 14.72
C GLY A 572 -30.03 18.09 16.07
N PRO A 573 -30.52 18.98 16.99
CA PRO A 573 -31.05 18.54 18.29
C PRO A 573 -32.44 17.89 18.21
N LYS A 574 -33.11 17.99 17.07
CA LYS A 574 -34.33 17.20 16.80
C LYS A 574 -33.93 15.85 16.19
N LEU A 575 -32.78 15.84 15.52
CA LEU A 575 -32.19 14.59 15.07
C LEU A 575 -31.76 13.81 16.31
N VAL A 576 -31.17 14.52 17.26
CA VAL A 576 -30.89 13.97 18.59
C VAL A 576 -32.13 13.37 19.27
N GLU A 577 -33.27 14.05 19.15
CA GLU A 577 -34.55 13.54 19.68
C GLU A 577 -35.11 12.40 18.80
N SER A 578 -34.84 12.49 17.49
CA SER A 578 -35.16 11.41 16.57
C SER A 578 -34.35 10.17 17.00
N SER A 579 -33.04 10.37 17.16
CA SER A 579 -32.08 9.32 17.50
C SER A 579 -32.31 8.61 18.84
N LYS A 580 -32.57 9.35 19.91
CA LYS A 580 -32.90 8.65 21.15
C LYS A 580 -34.24 7.90 21.10
N ALA A 581 -35.26 8.46 20.47
CA ALA A 581 -36.52 7.71 20.25
C ALA A 581 -36.35 6.47 19.38
N THR A 582 -35.42 6.47 18.43
CA THR A 582 -35.22 5.28 17.57
C THR A 582 -34.20 4.24 18.06
N LEU A 583 -33.13 4.68 18.72
CA LEU A 583 -32.14 3.76 19.31
C LEU A 583 -32.27 3.80 20.81
N GLY A 584 -33.26 4.54 21.29
CA GLY A 584 -33.47 4.67 22.74
C GLY A 584 -32.23 5.25 23.38
#